data_1EBV
#
_entry.id   1EBV
#
_cell.length_a   98.870
_cell.length_b   207.460
_cell.length_c   221.980
_cell.angle_alpha   90.00
_cell.angle_beta   90.00
_cell.angle_gamma   90.00
#
_symmetry.space_group_name_H-M   'I 2 2 2'
#
loop_
_entity.id
_entity.type
_entity.pdbx_description
1 polymer 'PROSTAGLANDIN H2 SYNTHASE'
2 branched 2-acetamido-2-deoxy-beta-D-glucopyranose-(1-4)-2-acetamido-2-deoxy-beta-D-glucopyranose
3 non-polymer 2-acetamido-2-deoxy-beta-D-glucopyranose
4 non-polymer 'ACETIC ACID SALICYLOYL-AMINO-ESTER'
5 non-polymer 'PROTOPORPHYRIN IX CONTAINING FE'
#
_entity_poly.entity_id   1
_entity_poly.type   'polypeptide(L)'
_entity_poly.pdbx_seq_one_letter_code
;VNPCCYYPCQHQGICVRFGLDRYQCDCTRTGYSGPNCTIPEIWTWLRTTLRPSPSFIHFLLTHGRWLWDFVNATFIRDTL
MRLVLTVRSNLIPSPPTYNIAHDYISWESFSNVSYYTRILPSVPRDCPTPMGTKGKKQLPDAEFLSRRFLLRRKFIPDPQ
GTNLMFAFFAQHFTHQFFKTSGKMGPGFTKALGHGVDLGHIYGDNLERQYQLRLFKDGKLKYQMLNGEVYPPSVEEAPVL
MHYPRGIPPQSQMAVGQEVFGLLPGLMLYATIWLREHNRVCDLLKAEHPTWGDEQLFQTARLILIGETIKIVIEEYVQQL
SGYFLQLKFDPELLFGAQFQYRNRIAMEFNQLYHWHPLMPDSFRVGPQDYSYEQFLFNTSMLVDYGVEALVDAFSRQPAG
RIGGGRNIDHHILHVAVDVIKESRVLRLQPFNEYRKRFGMKPYTSFQELTGEKEMAAELEELYGDIDALEFYPGLLLEKC
HPNSIFGESMIEMGAPF(OAS)LKGLLGNPICSPEYWKASTFGGEVGFNLVKTATLKKLVCLNTKTCPYVSFHVP
;
_entity_poly.pdbx_strand_id   A
#
# COMPACT_ATOMS: atom_id res chain seq x y z
N VAL A 1 -37.07 -4.60 9.68
CA VAL A 1 -35.58 -4.53 9.77
C VAL A 1 -34.99 -3.69 8.65
N ASN A 2 -33.81 -3.13 8.90
CA ASN A 2 -33.13 -2.28 7.94
C ASN A 2 -32.95 -3.05 6.63
N PRO A 3 -33.69 -2.65 5.59
CA PRO A 3 -33.63 -3.29 4.28
C PRO A 3 -32.26 -3.25 3.61
N CYS A 4 -31.46 -2.25 3.95
CA CYS A 4 -30.13 -2.17 3.34
C CYS A 4 -29.16 -3.19 3.91
N CYS A 5 -29.58 -3.89 4.97
CA CYS A 5 -28.74 -4.91 5.58
C CYS A 5 -28.64 -6.10 4.64
N TYR A 6 -29.61 -6.21 3.75
CA TYR A 6 -29.61 -7.30 2.80
C TYR A 6 -28.76 -6.91 1.61
N TYR A 7 -28.18 -5.72 1.67
CA TYR A 7 -27.34 -5.23 0.58
C TYR A 7 -28.08 -5.50 -0.71
N PRO A 8 -29.25 -4.88 -0.90
CA PRO A 8 -29.97 -5.14 -2.14
C PRO A 8 -29.35 -4.57 -3.42
N CYS A 9 -28.79 -3.36 -3.36
CA CYS A 9 -28.24 -2.72 -4.55
C CYS A 9 -26.94 -3.26 -5.15
N GLN A 10 -27.05 -3.85 -6.33
CA GLN A 10 -25.90 -4.41 -7.03
C GLN A 10 -25.24 -3.36 -7.91
N HIS A 11 -24.04 -3.68 -8.37
CA HIS A 11 -23.28 -2.80 -9.26
C HIS A 11 -23.15 -1.33 -8.86
N GLN A 12 -22.57 -1.11 -7.70
CA GLN A 12 -22.34 0.24 -7.22
C GLN A 12 -23.57 1.13 -7.03
N GLY A 13 -24.76 0.54 -7.08
CA GLY A 13 -25.97 1.32 -6.86
C GLY A 13 -26.00 1.68 -5.39
N ILE A 14 -26.65 2.79 -5.04
CA ILE A 14 -26.68 3.23 -3.64
C ILE A 14 -27.97 2.95 -2.87
N CYS A 15 -27.86 2.27 -1.72
CA CYS A 15 -29.03 1.94 -0.91
C CYS A 15 -29.46 3.03 0.05
N VAL A 16 -30.62 3.62 -0.22
CA VAL A 16 -31.16 4.68 0.63
C VAL A 16 -32.46 4.27 1.29
N ARG A 17 -32.58 4.58 2.57
CA ARG A 17 -33.77 4.25 3.33
C ARG A 17 -34.85 5.27 3.01
N PHE A 18 -36.09 4.81 2.87
CA PHE A 18 -37.21 5.71 2.57
C PHE A 18 -38.42 5.33 3.39
N GLY A 19 -39.27 6.30 3.66
CA GLY A 19 -40.44 6.01 4.47
C GLY A 19 -39.99 5.28 5.74
N LEU A 20 -40.92 4.58 6.38
CA LEU A 20 -40.59 3.88 7.60
C LEU A 20 -39.90 2.53 7.40
N ASP A 21 -40.17 1.88 6.26
CA ASP A 21 -39.60 0.56 5.99
C ASP A 21 -39.20 0.27 4.55
N ARG A 22 -39.32 1.26 3.67
CA ARG A 22 -38.97 1.07 2.26
C ARG A 22 -37.48 1.36 2.05
N TYR A 23 -37.05 1.22 0.80
CA TYR A 23 -35.66 1.50 0.43
C TYR A 23 -35.65 1.64 -1.10
N GLN A 24 -34.75 2.44 -1.64
CA GLN A 24 -34.65 2.61 -3.08
C GLN A 24 -33.19 2.59 -3.47
N CYS A 25 -32.88 2.00 -4.62
CA CYS A 25 -31.49 1.99 -5.08
C CYS A 25 -31.30 3.07 -6.14
N ASP A 26 -30.31 3.93 -5.92
CA ASP A 26 -29.98 4.97 -6.89
C ASP A 26 -29.02 4.30 -7.87
N CYS A 27 -29.54 3.90 -9.01
CA CYS A 27 -28.71 3.22 -10.00
C CYS A 27 -28.08 4.18 -10.98
N THR A 28 -28.04 5.45 -10.61
CA THR A 28 -27.46 6.44 -11.50
C THR A 28 -26.08 6.03 -11.98
N ARG A 29 -25.90 6.05 -13.30
CA ARG A 29 -24.62 5.73 -13.90
C ARG A 29 -23.95 4.40 -13.55
N THR A 30 -24.71 3.45 -13.03
CA THR A 30 -24.15 2.16 -12.67
C THR A 30 -24.12 1.24 -13.88
N GLY A 31 -24.81 1.64 -14.94
CA GLY A 31 -24.86 0.83 -16.13
C GLY A 31 -26.00 -0.16 -16.13
N TYR A 32 -26.71 -0.25 -15.00
CA TYR A 32 -27.85 -1.16 -14.87
C TYR A 32 -29.06 -0.38 -14.40
N SER A 33 -30.21 -1.03 -14.41
CA SER A 33 -31.45 -0.39 -13.98
C SER A 33 -32.26 -1.36 -13.16
N GLY A 34 -33.53 -1.03 -12.92
CA GLY A 34 -34.38 -1.89 -12.13
C GLY A 34 -34.35 -1.55 -10.65
N PRO A 35 -35.14 -2.26 -9.83
CA PRO A 35 -35.21 -2.03 -8.38
C PRO A 35 -33.87 -2.15 -7.67
N ASN A 36 -33.05 -3.12 -8.06
CA ASN A 36 -31.75 -3.32 -7.43
C ASN A 36 -30.57 -3.16 -8.40
N CYS A 37 -30.79 -2.45 -9.51
CA CYS A 37 -29.74 -2.24 -10.51
C CYS A 37 -29.16 -3.55 -10.98
N THR A 38 -30.00 -4.41 -11.57
CA THR A 38 -29.57 -5.71 -12.06
C THR A 38 -29.81 -5.90 -13.55
N ILE A 39 -30.66 -5.05 -14.10
CA ILE A 39 -30.99 -5.10 -15.51
C ILE A 39 -29.98 -4.25 -16.29
N PRO A 40 -29.05 -4.92 -16.97
CA PRO A 40 -28.01 -4.27 -17.75
C PRO A 40 -28.53 -3.49 -18.94
N GLU A 41 -27.70 -2.56 -19.42
CA GLU A 41 -28.04 -1.76 -20.58
C GLU A 41 -27.32 -2.48 -21.70
N ILE A 42 -27.75 -2.26 -22.93
CA ILE A 42 -27.16 -2.93 -24.07
C ILE A 42 -25.62 -2.99 -24.08
N TRP A 43 -24.94 -1.85 -24.02
CA TRP A 43 -23.48 -1.86 -24.04
C TRP A 43 -22.89 -2.56 -22.83
N THR A 44 -23.53 -2.41 -21.69
CA THR A 44 -23.07 -3.03 -20.47
C THR A 44 -23.07 -4.53 -20.59
N TRP A 45 -24.14 -5.08 -21.13
CA TRP A 45 -24.25 -6.53 -21.31
C TRP A 45 -23.08 -7.02 -22.15
N LEU A 46 -22.84 -6.33 -23.26
CA LEU A 46 -21.73 -6.70 -24.15
C LEU A 46 -20.41 -6.71 -23.41
N ARG A 47 -20.11 -5.60 -22.75
CA ARG A 47 -18.88 -5.48 -22.02
C ARG A 47 -18.73 -6.63 -21.02
N THR A 48 -19.76 -6.90 -20.22
CA THR A 48 -19.64 -7.97 -19.25
C THR A 48 -19.57 -9.38 -19.83
N THR A 49 -20.04 -9.57 -21.06
CA THR A 49 -19.97 -10.91 -21.67
C THR A 49 -18.67 -11.07 -22.46
N LEU A 50 -18.05 -9.95 -22.83
CA LEU A 50 -16.82 -9.98 -23.59
C LEU A 50 -15.58 -9.73 -22.75
N ARG A 51 -15.67 -9.97 -21.45
CA ARG A 51 -14.51 -9.75 -20.59
C ARG A 51 -13.95 -11.04 -20.03
N PRO A 52 -12.77 -11.43 -20.49
CA PRO A 52 -12.13 -12.66 -20.02
C PRO A 52 -11.97 -12.61 -18.50
N SER A 53 -12.09 -13.77 -17.84
CA SER A 53 -11.98 -13.81 -16.38
C SER A 53 -10.69 -13.19 -15.85
N PRO A 54 -10.69 -12.74 -14.58
CA PRO A 54 -9.48 -12.14 -14.02
C PRO A 54 -8.33 -13.13 -14.13
N SER A 55 -8.62 -14.40 -13.87
CA SER A 55 -7.62 -15.47 -13.94
C SER A 55 -7.07 -15.65 -15.36
N PHE A 56 -7.94 -15.53 -16.36
CA PHE A 56 -7.49 -15.67 -17.74
C PHE A 56 -6.51 -14.55 -18.07
N ILE A 57 -6.93 -13.31 -17.85
CA ILE A 57 -6.08 -12.16 -18.09
C ILE A 57 -4.71 -12.41 -17.46
N HIS A 58 -4.73 -12.78 -16.18
CA HIS A 58 -3.51 -13.05 -15.43
C HIS A 58 -2.67 -14.06 -16.20
N PHE A 59 -3.35 -15.05 -16.75
CA PHE A 59 -2.68 -16.07 -17.52
C PHE A 59 -1.89 -15.40 -18.64
N LEU A 60 -2.62 -14.74 -19.54
CA LEU A 60 -2.01 -14.05 -20.67
C LEU A 60 -0.83 -13.17 -20.28
N LEU A 61 -0.92 -12.54 -19.12
CA LEU A 61 0.13 -11.64 -18.66
C LEU A 61 1.35 -12.36 -18.13
N THR A 62 1.20 -13.61 -17.73
CA THR A 62 2.33 -14.38 -17.18
C THR A 62 2.86 -15.49 -18.08
N HIS A 63 2.57 -15.40 -19.37
CA HIS A 63 3.04 -16.40 -20.31
C HIS A 63 3.37 -15.73 -21.63
N GLY A 64 4.01 -16.46 -22.52
CA GLY A 64 4.34 -15.91 -23.83
C GLY A 64 5.51 -14.96 -23.77
N ARG A 65 6.48 -15.27 -22.91
CA ARG A 65 7.67 -14.44 -22.75
C ARG A 65 8.13 -13.90 -24.10
N TRP A 66 8.39 -14.80 -25.05
CA TRP A 66 8.83 -14.38 -26.37
C TRP A 66 7.91 -13.32 -26.94
N LEU A 67 6.61 -13.52 -26.75
CA LEU A 67 5.60 -12.59 -27.23
C LEU A 67 5.73 -11.21 -26.61
N TRP A 68 5.57 -11.15 -25.29
CA TRP A 68 5.69 -9.87 -24.59
C TRP A 68 6.97 -9.13 -24.95
N ASP A 69 8.10 -9.82 -24.89
CA ASP A 69 9.36 -9.18 -25.22
C ASP A 69 9.21 -8.33 -26.48
N PHE A 70 8.42 -8.82 -27.44
CA PHE A 70 8.20 -8.09 -28.66
C PHE A 70 7.25 -6.92 -28.47
N VAL A 71 6.22 -7.13 -27.66
CA VAL A 71 5.21 -6.12 -27.37
C VAL A 71 5.81 -5.00 -26.54
N ASN A 72 6.54 -5.37 -25.49
CA ASN A 72 7.15 -4.40 -24.62
C ASN A 72 8.03 -3.41 -25.38
N ALA A 73 8.54 -3.82 -26.52
CA ALA A 73 9.42 -2.94 -27.29
C ALA A 73 8.71 -2.12 -28.36
N THR A 74 7.38 -2.15 -28.35
CA THR A 74 6.59 -1.39 -29.31
C THR A 74 5.74 -0.36 -28.57
N PHE A 75 4.68 0.12 -29.22
CA PHE A 75 3.80 1.11 -28.62
C PHE A 75 2.68 0.40 -27.86
N ILE A 76 2.42 -0.85 -28.24
CA ILE A 76 1.38 -1.62 -27.60
C ILE A 76 1.65 -1.63 -26.10
N ARG A 77 2.93 -1.51 -25.73
CA ARG A 77 3.29 -1.48 -24.33
C ARG A 77 2.53 -0.34 -23.68
N ASP A 78 2.77 0.85 -24.19
CA ASP A 78 2.13 2.07 -23.70
C ASP A 78 0.61 1.90 -23.71
N THR A 79 0.08 1.49 -24.85
CA THR A 79 -1.36 1.30 -25.01
C THR A 79 -1.94 0.45 -23.88
N LEU A 80 -1.31 -0.68 -23.61
CA LEU A 80 -1.79 -1.55 -22.56
C LEU A 80 -1.64 -0.89 -21.19
N MET A 81 -0.47 -0.29 -20.93
CA MET A 81 -0.23 0.35 -19.63
C MET A 81 -1.32 1.36 -19.33
N ARG A 82 -1.72 2.09 -20.36
CA ARG A 82 -2.76 3.10 -20.21
C ARG A 82 -4.06 2.41 -19.89
N LEU A 83 -4.32 1.32 -20.59
CA LEU A 83 -5.54 0.57 -20.35
C LEU A 83 -5.55 0.20 -18.87
N VAL A 84 -4.46 -0.43 -18.45
CA VAL A 84 -4.30 -0.85 -17.07
C VAL A 84 -4.53 0.35 -16.16
N LEU A 85 -3.70 1.37 -16.31
CA LEU A 85 -3.80 2.58 -15.51
C LEU A 85 -5.22 3.10 -15.37
N THR A 86 -5.93 3.25 -16.48
CA THR A 86 -7.30 3.77 -16.43
C THR A 86 -8.30 2.77 -15.90
N VAL A 87 -8.48 1.67 -16.62
CA VAL A 87 -9.45 0.65 -16.21
C VAL A 87 -9.39 0.36 -14.70
N ARG A 88 -8.18 0.10 -14.21
CA ARG A 88 -7.96 -0.24 -12.81
C ARG A 88 -8.38 0.85 -11.83
N SER A 89 -8.13 2.10 -12.20
CA SER A 89 -8.49 3.21 -11.34
C SER A 89 -9.96 3.53 -11.22
N ASN A 90 -10.70 3.49 -12.33
CA ASN A 90 -12.12 3.83 -12.31
C ASN A 90 -12.94 3.15 -11.22
N LEU A 91 -12.32 2.24 -10.50
CA LEU A 91 -13.00 1.53 -9.43
C LEU A 91 -13.00 2.36 -8.14
N ILE A 92 -11.89 3.01 -7.87
CA ILE A 92 -11.78 3.86 -6.69
C ILE A 92 -12.52 5.15 -6.98
N PRO A 93 -13.44 5.56 -6.10
CA PRO A 93 -14.19 6.80 -6.30
C PRO A 93 -13.41 8.06 -5.95
N SER A 94 -13.60 9.12 -6.76
CA SER A 94 -12.91 10.38 -6.52
C SER A 94 -13.64 11.52 -7.24
N PRO A 95 -14.07 12.57 -6.51
CA PRO A 95 -13.95 12.83 -5.07
C PRO A 95 -14.33 11.63 -4.23
N PRO A 96 -13.77 11.51 -3.03
CA PRO A 96 -14.09 10.36 -2.18
C PRO A 96 -15.52 10.40 -1.65
N THR A 97 -15.99 9.23 -1.21
CA THR A 97 -17.33 9.10 -0.72
C THR A 97 -17.48 9.13 0.80
N TYR A 98 -17.60 7.97 1.43
CA TYR A 98 -17.83 7.89 2.87
C TYR A 98 -16.65 7.74 3.81
N ASN A 99 -16.95 7.84 5.10
CA ASN A 99 -15.94 7.66 6.13
C ASN A 99 -16.56 7.00 7.36
N ILE A 100 -15.74 6.80 8.40
CA ILE A 100 -16.23 6.16 9.61
C ILE A 100 -17.38 6.88 10.28
N ALA A 101 -17.63 8.13 9.90
CA ALA A 101 -18.70 8.90 10.51
C ALA A 101 -19.94 8.98 9.64
N HIS A 102 -19.76 8.96 8.32
CA HIS A 102 -20.89 9.07 7.41
C HIS A 102 -20.96 7.97 6.38
N ASP A 103 -22.09 7.27 6.33
CA ASP A 103 -22.27 6.25 5.32
C ASP A 103 -23.15 6.83 4.22
N TYR A 104 -22.78 8.03 3.81
CA TYR A 104 -23.46 8.78 2.75
C TYR A 104 -22.51 9.91 2.41
N ILE A 105 -22.71 10.59 1.28
CA ILE A 105 -21.80 11.70 0.95
C ILE A 105 -22.12 12.88 1.82
N SER A 106 -21.08 13.59 2.25
CA SER A 106 -21.28 14.75 3.10
C SER A 106 -20.16 15.72 2.82
N TRP A 107 -20.42 17.00 3.01
CA TRP A 107 -19.37 17.96 2.76
C TRP A 107 -18.20 17.68 3.70
N GLU A 108 -18.51 17.32 4.94
CA GLU A 108 -17.45 17.06 5.91
C GLU A 108 -16.57 15.90 5.49
N SER A 109 -17.19 14.84 4.97
CA SER A 109 -16.42 13.68 4.56
C SER A 109 -15.38 14.14 3.55
N PHE A 110 -15.81 15.05 2.69
CA PHE A 110 -14.97 15.59 1.64
C PHE A 110 -13.95 16.62 2.14
N SER A 111 -14.23 17.24 3.28
CA SER A 111 -13.35 18.28 3.82
C SER A 111 -12.39 17.80 4.90
N ASN A 112 -12.94 17.17 5.94
CA ASN A 112 -12.14 16.68 7.04
C ASN A 112 -11.26 15.53 6.62
N VAL A 113 -9.98 15.80 6.37
CA VAL A 113 -9.06 14.76 5.92
C VAL A 113 -8.37 13.99 7.04
N SER A 114 -8.84 14.14 8.27
CA SER A 114 -8.24 13.38 9.35
C SER A 114 -8.93 12.02 9.31
N TYR A 115 -9.93 11.96 8.44
CA TYR A 115 -10.75 10.78 8.21
C TYR A 115 -10.21 9.88 7.10
N TYR A 116 -10.25 8.57 7.31
CA TYR A 116 -9.87 7.65 6.24
C TYR A 116 -11.21 7.54 5.53
N THR A 117 -11.19 7.30 4.24
CA THR A 117 -12.43 7.15 3.48
C THR A 117 -12.63 5.66 3.44
N ARG A 118 -13.72 5.22 2.83
CA ARG A 118 -13.98 3.80 2.69
C ARG A 118 -14.70 3.60 1.37
N ILE A 119 -14.56 2.44 0.74
CA ILE A 119 -15.23 2.22 -0.52
C ILE A 119 -16.66 1.74 -0.33
N LEU A 120 -16.91 1.06 0.77
CA LEU A 120 -18.23 0.55 1.06
C LEU A 120 -18.72 1.02 2.41
N PRO A 121 -19.97 1.51 2.46
CA PRO A 121 -20.57 2.00 3.70
C PRO A 121 -20.43 0.94 4.77
N SER A 122 -20.66 1.30 6.01
CA SER A 122 -20.52 0.32 7.07
C SER A 122 -21.74 -0.58 7.12
N VAL A 123 -21.60 -1.68 7.84
CA VAL A 123 -22.71 -2.60 8.04
C VAL A 123 -23.60 -1.81 8.99
N PRO A 124 -24.84 -1.52 8.58
CA PRO A 124 -25.75 -0.77 9.44
C PRO A 124 -25.75 -1.26 10.88
N ARG A 125 -25.50 -0.35 11.83
CA ARG A 125 -25.46 -0.71 13.25
C ARG A 125 -26.69 -1.47 13.76
N ASP A 126 -27.80 -1.39 13.01
CA ASP A 126 -29.01 -2.07 13.44
C ASP A 126 -29.43 -3.24 12.55
N CYS A 127 -28.48 -4.11 12.22
CA CYS A 127 -28.81 -5.27 11.40
C CYS A 127 -28.88 -6.47 12.32
N PRO A 128 -29.62 -7.49 11.92
CA PRO A 128 -29.79 -8.72 12.71
C PRO A 128 -28.46 -9.31 13.16
N THR A 129 -27.44 -9.24 12.30
CA THR A 129 -26.13 -9.77 12.64
C THR A 129 -25.02 -8.75 12.45
N PRO A 130 -23.82 -9.08 12.90
CA PRO A 130 -22.63 -8.20 12.80
C PRO A 130 -22.21 -7.94 11.36
N MET A 131 -22.51 -8.88 10.47
CA MET A 131 -22.16 -8.76 9.07
C MET A 131 -23.36 -8.38 8.23
N GLY A 132 -24.48 -8.12 8.89
CA GLY A 132 -25.66 -7.71 8.17
C GLY A 132 -26.86 -8.60 8.34
N THR A 133 -26.90 -9.68 7.57
CA THR A 133 -28.03 -10.59 7.64
C THR A 133 -27.61 -12.01 7.89
N LYS A 134 -26.40 -12.37 7.47
CA LYS A 134 -25.98 -13.75 7.67
C LYS A 134 -24.90 -13.96 8.73
N GLY A 135 -24.62 -15.23 9.01
CA GLY A 135 -23.62 -15.55 10.01
C GLY A 135 -24.23 -15.77 11.38
N LYS A 136 -23.39 -16.09 12.36
CA LYS A 136 -23.86 -16.32 13.72
C LYS A 136 -24.01 -14.96 14.40
N LYS A 137 -24.64 -14.95 15.57
CA LYS A 137 -24.85 -13.71 16.32
C LYS A 137 -23.55 -13.06 16.76
N GLN A 138 -22.52 -13.89 16.93
CA GLN A 138 -21.22 -13.42 17.37
C GLN A 138 -20.12 -13.99 16.47
N LEU A 139 -19.21 -13.14 16.03
CA LEU A 139 -18.11 -13.55 15.15
C LEU A 139 -17.01 -14.30 15.88
N PRO A 140 -16.22 -15.11 15.14
CA PRO A 140 -15.12 -15.90 15.71
C PRO A 140 -14.18 -15.09 16.58
N ASP A 141 -13.66 -15.71 17.63
CA ASP A 141 -12.74 -15.01 18.51
C ASP A 141 -11.52 -14.58 17.69
N ALA A 142 -11.33 -13.28 17.55
CA ALA A 142 -10.21 -12.75 16.77
C ALA A 142 -8.92 -13.53 16.94
N GLU A 143 -8.47 -13.63 18.18
CA GLU A 143 -7.23 -14.33 18.49
C GLU A 143 -7.21 -15.77 17.99
N PHE A 144 -8.25 -16.53 18.31
CA PHE A 144 -8.37 -17.92 17.89
C PHE A 144 -8.16 -17.99 16.37
N LEU A 145 -9.02 -17.29 15.66
CA LEU A 145 -8.98 -17.20 14.21
C LEU A 145 -7.57 -16.99 13.73
N SER A 146 -6.82 -16.19 14.48
CA SER A 146 -5.46 -15.91 14.11
C SER A 146 -4.51 -17.06 14.39
N ARG A 147 -4.63 -17.69 15.56
CA ARG A 147 -3.76 -18.82 15.90
C ARG A 147 -4.08 -20.01 15.03
N ARG A 148 -5.36 -20.16 14.74
CA ARG A 148 -5.84 -21.26 13.93
C ARG A 148 -5.61 -21.13 12.43
N PHE A 149 -5.54 -19.92 11.89
CA PHE A 149 -5.35 -19.80 10.45
C PHE A 149 -4.26 -18.87 9.91
N LEU A 150 -3.65 -18.07 10.77
CA LEU A 150 -2.65 -17.15 10.27
C LEU A 150 -1.28 -17.34 10.87
N LEU A 151 -1.21 -17.96 12.03
CA LEU A 151 0.07 -18.18 12.70
C LEU A 151 0.98 -19.10 11.89
N ARG A 152 2.16 -18.62 11.58
CA ARG A 152 3.12 -19.41 10.82
C ARG A 152 3.60 -20.60 11.63
N ARG A 153 3.51 -21.78 11.04
CA ARG A 153 3.99 -22.97 11.72
C ARG A 153 5.39 -23.21 11.17
N LYS A 154 5.48 -23.39 9.86
CA LYS A 154 6.75 -23.60 9.18
C LYS A 154 6.89 -22.46 8.18
N PHE A 155 8.07 -21.84 8.13
CA PHE A 155 8.27 -20.74 7.19
C PHE A 155 8.02 -21.11 5.73
N ILE A 156 7.09 -20.41 5.09
CA ILE A 156 6.77 -20.64 3.69
C ILE A 156 7.30 -19.47 2.87
N PRO A 157 8.39 -19.66 2.11
CA PRO A 157 8.94 -18.56 1.32
C PRO A 157 8.07 -18.16 0.15
N ASP A 158 8.15 -16.89 -0.22
CA ASP A 158 7.39 -16.38 -1.35
C ASP A 158 7.95 -16.96 -2.64
N PRO A 159 7.14 -17.75 -3.34
CA PRO A 159 7.52 -18.40 -4.59
C PRO A 159 8.07 -17.44 -5.65
N GLN A 160 7.63 -16.19 -5.60
CA GLN A 160 8.12 -15.22 -6.58
C GLN A 160 9.52 -14.70 -6.24
N GLY A 161 10.11 -15.23 -5.17
CA GLY A 161 11.44 -14.85 -4.78
C GLY A 161 11.63 -13.43 -4.29
N THR A 162 10.61 -12.88 -3.65
CA THR A 162 10.69 -11.52 -3.13
C THR A 162 11.60 -11.54 -1.90
N ASN A 163 12.41 -10.52 -1.71
CA ASN A 163 13.32 -10.48 -0.57
C ASN A 163 12.94 -9.47 0.51
N LEU A 164 13.74 -9.38 1.56
CA LEU A 164 13.43 -8.44 2.63
C LEU A 164 13.63 -7.02 2.14
N MET A 165 14.52 -6.83 1.16
CA MET A 165 14.76 -5.49 0.61
C MET A 165 13.41 -4.96 0.14
N PHE A 166 12.64 -5.82 -0.52
CA PHE A 166 11.32 -5.46 -0.99
C PHE A 166 10.43 -5.23 0.22
N ALA A 167 10.34 -6.25 1.08
CA ALA A 167 9.51 -6.18 2.28
C ALA A 167 9.68 -4.85 3.01
N PHE A 168 10.89 -4.57 3.48
CA PHE A 168 11.13 -3.33 4.18
C PHE A 168 10.76 -2.10 3.35
N PHE A 169 10.92 -2.18 2.04
CA PHE A 169 10.56 -1.03 1.21
C PHE A 169 9.06 -0.83 1.37
N ALA A 170 8.31 -1.90 1.15
CA ALA A 170 6.87 -1.88 1.26
C ALA A 170 6.44 -1.27 2.58
N GLN A 171 7.08 -1.68 3.66
CA GLN A 171 6.75 -1.18 4.98
C GLN A 171 7.04 0.31 5.07
N HIS A 172 8.29 0.68 4.80
CA HIS A 172 8.76 2.05 4.82
C HIS A 172 7.82 2.95 3.99
N PHE A 173 7.61 2.56 2.73
CA PHE A 173 6.75 3.29 1.79
C PHE A 173 5.31 3.53 2.26
N THR A 174 4.61 2.45 2.58
CA THR A 174 3.23 2.53 3.02
C THR A 174 3.06 3.36 4.28
N HIS A 175 4.05 3.32 5.15
CA HIS A 175 3.94 4.06 6.40
C HIS A 175 3.99 5.57 6.25
N GLN A 176 4.07 6.05 5.01
CA GLN A 176 4.09 7.48 4.79
C GLN A 176 2.64 7.91 4.62
N PHE A 177 1.77 6.97 4.27
CA PHE A 177 0.37 7.29 4.13
C PHE A 177 -0.56 6.48 5.02
N PHE A 178 -0.02 5.46 5.67
CA PHE A 178 -0.82 4.67 6.61
C PHE A 178 -0.30 5.06 8.00
N LYS A 179 -1.02 5.97 8.66
CA LYS A 179 -0.64 6.44 9.98
C LYS A 179 -1.91 6.68 10.76
N THR A 180 -2.41 5.63 11.37
CA THR A 180 -3.64 5.72 12.15
C THR A 180 -3.39 6.48 13.44
N SER A 181 -4.24 7.47 13.70
CA SER A 181 -4.14 8.30 14.90
C SER A 181 -4.55 7.53 16.13
N GLY A 182 -3.63 7.34 17.06
CA GLY A 182 -3.95 6.62 18.26
C GLY A 182 -4.87 7.45 19.16
N LYS A 183 -4.76 8.77 19.04
CA LYS A 183 -5.55 9.67 19.86
C LYS A 183 -6.99 9.87 19.39
N MET A 184 -7.26 9.61 18.12
CA MET A 184 -8.61 9.79 17.57
C MET A 184 -9.44 8.53 17.36
N GLY A 185 -8.80 7.37 17.44
CA GLY A 185 -9.55 6.13 17.24
C GLY A 185 -9.36 5.62 15.83
N PRO A 186 -10.03 4.52 15.47
CA PRO A 186 -9.90 3.96 14.12
C PRO A 186 -10.59 4.84 13.09
N GLY A 187 -10.11 4.76 11.86
CA GLY A 187 -10.71 5.56 10.81
C GLY A 187 -10.12 6.94 10.70
N PHE A 188 -9.19 7.27 11.61
CA PHE A 188 -8.55 8.57 11.59
C PHE A 188 -7.08 8.43 11.24
N THR A 189 -6.52 9.43 10.56
CA THR A 189 -5.14 9.35 10.12
C THR A 189 -4.33 10.61 10.29
N LYS A 190 -3.17 10.47 10.91
CA LYS A 190 -2.30 11.61 11.14
C LYS A 190 -1.55 11.90 9.84
N ALA A 191 -1.75 11.03 8.86
CA ALA A 191 -1.10 11.15 7.57
C ALA A 191 -1.94 11.89 6.55
N LEU A 192 -2.22 13.16 6.83
CA LEU A 192 -2.99 13.98 5.92
C LEU A 192 -2.15 13.98 4.68
N GLY A 193 -2.72 14.29 3.53
CA GLY A 193 -1.92 14.27 2.32
C GLY A 193 -2.21 12.95 1.63
N HIS A 194 -2.83 12.05 2.37
CA HIS A 194 -3.26 10.77 1.86
C HIS A 194 -2.56 10.23 0.61
N GLY A 195 -1.24 10.16 0.60
CA GLY A 195 -0.61 9.63 -0.60
C GLY A 195 0.88 9.63 -0.55
N VAL A 196 1.50 9.79 -1.73
CA VAL A 196 2.94 9.82 -1.80
C VAL A 196 3.40 11.26 -1.72
N ASP A 197 3.53 11.74 -0.49
CA ASP A 197 3.96 13.11 -0.25
C ASP A 197 5.34 13.03 0.39
N LEU A 198 5.80 11.81 0.59
CA LEU A 198 7.10 11.57 1.22
C LEU A 198 7.11 12.23 2.58
N GLY A 199 6.00 12.11 3.29
CA GLY A 199 5.91 12.69 4.60
C GLY A 199 6.72 11.91 5.59
N HIS A 200 7.10 10.68 5.22
CA HIS A 200 7.89 9.82 6.10
C HIS A 200 9.36 10.22 6.10
N ILE A 201 9.72 11.12 5.20
CA ILE A 201 11.08 11.62 5.09
C ILE A 201 11.15 13.07 5.57
N TYR A 202 10.14 13.84 5.20
CA TYR A 202 10.05 15.26 5.55
C TYR A 202 9.15 15.60 6.74
N GLY A 203 8.31 14.65 7.15
CA GLY A 203 7.43 14.91 8.29
C GLY A 203 5.98 15.13 7.88
N ASP A 204 5.05 14.91 8.79
CA ASP A 204 3.64 15.10 8.46
C ASP A 204 3.14 16.48 8.85
N ASN A 205 4.05 17.33 9.32
CA ASN A 205 3.67 18.69 9.71
C ASN A 205 4.87 19.63 9.62
N LEU A 206 4.62 20.88 9.26
CA LEU A 206 5.70 21.84 9.09
C LEU A 206 6.74 21.92 10.17
N GLU A 207 6.32 22.21 11.39
CA GLU A 207 7.26 22.35 12.51
C GLU A 207 8.30 21.23 12.47
N ARG A 208 7.82 20.00 12.35
CA ARG A 208 8.68 18.83 12.29
C ARG A 208 9.59 18.91 11.07
N GLN A 209 9.05 19.30 9.91
CA GLN A 209 9.88 19.42 8.72
C GLN A 209 10.98 20.42 9.03
N TYR A 210 10.57 21.59 9.47
CA TYR A 210 11.51 22.63 9.82
C TYR A 210 12.59 22.10 10.72
N GLN A 211 12.22 21.29 11.70
CA GLN A 211 13.20 20.74 12.60
C GLN A 211 14.15 19.80 11.86
N LEU A 212 13.61 18.94 11.01
CA LEU A 212 14.43 18.00 10.24
C LEU A 212 15.35 18.68 9.24
N ARG A 213 15.01 19.91 8.84
CA ARG A 213 15.79 20.64 7.85
C ARG A 213 16.99 21.40 8.37
N LEU A 214 18.02 21.47 7.51
CA LEU A 214 19.26 22.15 7.84
C LEU A 214 19.10 23.65 7.61
N PHE A 215 18.40 24.01 6.54
CA PHE A 215 18.19 25.40 6.16
C PHE A 215 19.45 26.00 5.59
N LYS A 216 20.15 25.20 4.80
CA LYS A 216 21.38 25.59 4.14
C LYS A 216 21.49 24.68 2.94
N ASP A 217 21.85 25.25 1.78
CA ASP A 217 21.98 24.47 0.56
C ASP A 217 20.75 23.60 0.29
N GLY A 218 19.66 23.89 0.99
CA GLY A 218 18.42 23.13 0.80
C GLY A 218 18.46 21.74 1.40
N LYS A 219 19.64 21.38 1.90
CA LYS A 219 19.89 20.08 2.49
C LYS A 219 19.01 19.82 3.69
N LEU A 220 19.06 18.57 4.12
CA LEU A 220 18.32 18.04 5.25
C LEU A 220 19.41 17.75 6.31
N LYS A 221 19.11 17.98 7.58
CA LYS A 221 20.08 17.74 8.66
C LYS A 221 20.58 16.31 8.66
N TYR A 222 21.79 16.10 9.21
CA TYR A 222 22.35 14.75 9.27
C TYR A 222 23.54 14.69 10.22
N GLN A 223 24.18 13.53 10.28
CA GLN A 223 25.33 13.34 11.15
C GLN A 223 26.30 12.33 10.57
N MET A 224 27.59 12.51 10.91
CA MET A 224 28.64 11.62 10.43
C MET A 224 29.05 10.60 11.50
N LEU A 225 29.12 9.34 11.07
CA LEU A 225 29.51 8.24 11.94
C LEU A 225 30.36 7.33 11.10
N ASN A 226 31.46 6.86 11.65
CA ASN A 226 32.38 5.98 10.93
C ASN A 226 32.60 6.49 9.52
N GLY A 227 32.73 7.81 9.39
CA GLY A 227 32.97 8.40 8.08
C GLY A 227 31.77 8.37 7.15
N GLU A 228 30.64 7.85 7.63
CA GLU A 228 29.45 7.77 6.81
C GLU A 228 28.37 8.76 7.24
N VAL A 229 27.39 8.96 6.37
CA VAL A 229 26.30 9.90 6.64
C VAL A 229 25.05 9.22 7.15
N TYR A 230 24.54 9.68 8.28
CA TYR A 230 23.33 9.10 8.83
C TYR A 230 22.42 10.22 9.32
N PRO A 231 21.12 9.94 9.45
CA PRO A 231 20.20 10.98 9.92
C PRO A 231 20.73 11.58 11.21
N PRO A 232 20.38 12.83 11.50
CA PRO A 232 20.85 13.49 12.73
C PRO A 232 20.29 12.83 13.97
N SER A 233 20.77 13.22 15.14
CA SER A 233 20.26 12.66 16.39
C SER A 233 19.11 13.52 16.85
N VAL A 234 18.33 13.02 17.81
CA VAL A 234 17.20 13.76 18.33
C VAL A 234 17.69 14.97 19.12
N GLU A 235 18.97 14.95 19.50
CA GLU A 235 19.52 16.07 20.25
C GLU A 235 19.77 17.21 19.30
N GLU A 236 20.09 16.89 18.05
CA GLU A 236 20.36 17.92 17.04
C GLU A 236 19.10 18.25 16.26
N ALA A 237 18.21 17.28 16.17
CA ALA A 237 16.95 17.46 15.47
C ALA A 237 15.88 17.07 16.50
N PRO A 238 15.62 17.96 17.48
CA PRO A 238 14.65 17.79 18.56
C PRO A 238 13.24 17.58 18.04
N VAL A 239 13.05 16.44 17.41
CA VAL A 239 11.79 16.06 16.85
C VAL A 239 11.27 14.94 17.76
N LEU A 240 10.00 14.59 17.66
CA LEU A 240 9.45 13.53 18.50
C LEU A 240 9.54 12.16 17.82
N MET A 241 10.26 11.23 18.44
CA MET A 241 10.42 9.85 17.91
C MET A 241 9.86 8.85 18.92
N HIS A 242 9.34 7.72 18.43
CA HIS A 242 8.80 6.71 19.33
C HIS A 242 9.83 5.65 19.68
N TYR A 243 10.62 5.90 20.71
CA TYR A 243 11.64 4.95 21.17
C TYR A 243 11.24 4.50 22.57
N PRO A 244 11.74 3.34 23.02
CA PRO A 244 11.37 2.90 24.37
C PRO A 244 12.10 3.72 25.43
N ARG A 245 11.41 4.00 26.54
CA ARG A 245 12.02 4.77 27.62
C ARG A 245 13.34 4.15 27.99
N GLY A 246 14.34 5.00 28.23
CA GLY A 246 15.65 4.50 28.61
C GLY A 246 16.72 4.72 27.56
N ILE A 247 16.29 5.23 26.42
CA ILE A 247 17.22 5.49 25.35
C ILE A 247 17.31 7.01 25.22
N PRO A 248 18.50 7.56 25.50
CA PRO A 248 18.82 8.98 25.47
C PRO A 248 18.74 9.57 24.07
N PRO A 249 18.29 10.83 23.97
CA PRO A 249 18.14 11.55 22.69
C PRO A 249 19.35 11.41 21.76
N GLN A 250 20.53 11.38 22.35
CA GLN A 250 21.75 11.25 21.59
C GLN A 250 21.88 9.87 20.96
N SER A 251 20.93 9.00 21.26
CA SER A 251 20.98 7.65 20.72
C SER A 251 19.81 7.43 19.77
N GLN A 252 18.99 8.46 19.59
CA GLN A 252 17.82 8.38 18.73
C GLN A 252 18.03 9.15 17.44
N MET A 253 17.60 8.57 16.31
CA MET A 253 17.73 9.24 15.03
C MET A 253 16.39 9.87 14.63
N ALA A 254 16.42 11.15 14.31
CA ALA A 254 15.23 11.89 13.90
C ALA A 254 15.09 11.73 12.39
N VAL A 255 13.95 11.23 11.92
CA VAL A 255 13.84 11.02 10.49
C VAL A 255 12.63 11.55 9.74
N GLY A 256 11.48 11.63 10.39
CA GLY A 256 10.33 12.11 9.65
C GLY A 256 9.14 11.27 10.02
N GLN A 257 9.40 9.98 10.22
CA GLN A 257 8.37 9.02 10.61
C GLN A 257 8.70 8.47 12.01
N GLU A 258 8.02 9.01 13.03
CA GLU A 258 8.23 8.63 14.42
C GLU A 258 8.53 7.16 14.70
N VAL A 259 7.79 6.27 14.04
CA VAL A 259 7.94 4.85 14.25
C VAL A 259 9.20 4.21 13.66
N PHE A 260 9.74 4.79 12.60
CA PHE A 260 10.91 4.23 11.94
C PHE A 260 12.12 3.83 12.78
N GLY A 261 12.15 4.19 14.06
CA GLY A 261 13.29 3.82 14.87
C GLY A 261 13.21 2.38 15.36
N LEU A 262 12.04 1.79 15.20
CA LEU A 262 11.78 0.44 15.69
C LEU A 262 12.12 -0.70 14.75
N LEU A 263 13.19 -0.55 13.99
CA LEU A 263 13.64 -1.57 13.02
C LEU A 263 14.78 -1.05 12.19
N PRO A 264 15.90 -1.78 12.12
CA PRO A 264 17.01 -1.29 11.31
C PRO A 264 16.59 -1.15 9.85
N GLY A 265 15.81 -2.12 9.37
CA GLY A 265 15.35 -2.10 8.00
C GLY A 265 14.72 -0.77 7.59
N LEU A 266 13.93 -0.20 8.49
CA LEU A 266 13.27 1.07 8.23
C LEU A 266 14.28 2.18 8.23
N MET A 267 14.98 2.34 9.35
CA MET A 267 15.98 3.40 9.47
C MET A 267 16.96 3.31 8.32
N LEU A 268 17.10 2.11 7.77
CA LEU A 268 18.01 1.91 6.64
C LEU A 268 17.49 2.78 5.48
N TYR A 269 16.30 2.45 4.98
CA TYR A 269 15.68 3.21 3.90
C TYR A 269 15.58 4.68 4.25
N ALA A 270 15.39 4.99 5.52
CA ALA A 270 15.33 6.39 5.90
C ALA A 270 16.66 7.04 5.53
N THR A 271 17.76 6.36 5.86
CA THR A 271 19.08 6.89 5.55
C THR A 271 19.28 7.03 4.04
N ILE A 272 18.99 5.98 3.30
CA ILE A 272 19.14 6.03 1.86
C ILE A 272 18.45 7.25 1.26
N TRP A 273 17.18 7.46 1.54
CA TRP A 273 16.49 8.61 0.97
C TRP A 273 17.07 9.95 1.44
N LEU A 274 17.42 10.06 2.71
CA LEU A 274 17.99 11.32 3.21
C LEU A 274 19.22 11.59 2.39
N ARG A 275 20.04 10.56 2.23
CA ARG A 275 21.26 10.64 1.46
C ARG A 275 20.95 11.26 0.10
N GLU A 276 20.03 10.61 -0.62
CA GLU A 276 19.58 11.05 -1.93
C GLU A 276 19.14 12.51 -1.93
N HIS A 277 18.22 12.85 -1.06
CA HIS A 277 17.73 14.22 -0.98
C HIS A 277 18.90 15.21 -1.01
N ASN A 278 19.83 15.04 -0.08
CA ASN A 278 20.99 15.90 0.00
C ASN A 278 21.75 15.96 -1.33
N ARG A 279 21.96 14.80 -1.93
CA ARG A 279 22.67 14.70 -3.21
C ARG A 279 21.97 15.50 -4.31
N VAL A 280 20.65 15.34 -4.43
CA VAL A 280 19.87 16.06 -5.42
C VAL A 280 20.03 17.58 -5.22
N CYS A 281 20.12 18.02 -3.97
CA CYS A 281 20.31 19.43 -3.65
C CYS A 281 21.58 19.89 -4.33
N ASP A 282 22.64 19.14 -4.09
CA ASP A 282 23.94 19.46 -4.67
C ASP A 282 23.76 19.65 -6.16
N LEU A 283 23.15 18.66 -6.81
CA LEU A 283 22.91 18.71 -8.23
C LEU A 283 22.21 19.99 -8.63
N LEU A 284 21.08 20.25 -7.98
CA LEU A 284 20.30 21.44 -8.26
C LEU A 284 21.12 22.72 -8.10
N LYS A 285 21.90 22.82 -7.03
CA LYS A 285 22.71 24.02 -6.81
C LYS A 285 23.73 24.27 -7.91
N ALA A 286 24.36 23.22 -8.42
CA ALA A 286 25.34 23.40 -9.47
C ALA A 286 24.64 24.08 -10.66
N GLU A 287 23.40 23.65 -10.89
CA GLU A 287 22.56 24.14 -11.97
C GLU A 287 22.00 25.54 -11.67
N HIS A 288 21.44 25.72 -10.48
CA HIS A 288 20.83 27.00 -10.10
C HIS A 288 21.51 27.70 -8.94
N PRO A 289 22.67 28.33 -9.20
CA PRO A 289 23.44 29.04 -8.17
C PRO A 289 22.74 30.19 -7.49
N THR A 290 21.73 30.76 -8.14
CA THR A 290 21.01 31.90 -7.57
C THR A 290 19.88 31.48 -6.65
N TRP A 291 19.59 30.18 -6.60
CA TRP A 291 18.51 29.65 -5.79
C TRP A 291 18.80 29.71 -4.30
N GLY A 292 17.73 29.83 -3.52
CA GLY A 292 17.87 29.88 -2.08
C GLY A 292 17.61 28.53 -1.43
N ASP A 293 17.55 28.52 -0.10
CA ASP A 293 17.31 27.28 0.63
C ASP A 293 15.95 26.67 0.32
N GLU A 294 14.88 27.42 0.57
CA GLU A 294 13.53 26.93 0.29
C GLU A 294 13.44 26.22 -1.03
N GLN A 295 13.59 26.97 -2.12
CA GLN A 295 13.47 26.39 -3.45
C GLN A 295 14.35 25.18 -3.73
N LEU A 296 15.57 25.18 -3.20
CA LEU A 296 16.40 24.02 -3.42
C LEU A 296 15.71 22.85 -2.71
N PHE A 297 15.31 23.08 -1.47
CA PHE A 297 14.63 22.05 -0.71
C PHE A 297 13.34 21.63 -1.40
N GLN A 298 12.44 22.58 -1.55
CA GLN A 298 11.15 22.34 -2.21
C GLN A 298 11.26 21.58 -3.52
N THR A 299 12.25 21.95 -4.33
CA THR A 299 12.45 21.28 -5.61
C THR A 299 12.94 19.85 -5.39
N ALA A 300 13.97 19.71 -4.56
CA ALA A 300 14.51 18.40 -4.28
C ALA A 300 13.42 17.44 -3.81
N ARG A 301 12.42 17.97 -3.10
CA ARG A 301 11.35 17.10 -2.61
C ARG A 301 10.46 16.61 -3.75
N LEU A 302 10.20 17.48 -4.71
CA LEU A 302 9.39 17.10 -5.84
C LEU A 302 10.09 16.02 -6.66
N ILE A 303 11.41 16.13 -6.80
CA ILE A 303 12.18 15.14 -7.55
C ILE A 303 12.11 13.77 -6.88
N LEU A 304 12.24 13.73 -5.56
CA LEU A 304 12.18 12.46 -4.85
C LEU A 304 10.78 11.83 -4.94
N ILE A 305 9.74 12.66 -4.89
CA ILE A 305 8.38 12.16 -5.02
C ILE A 305 8.30 11.49 -6.39
N GLY A 306 8.79 12.18 -7.42
CA GLY A 306 8.79 11.62 -8.75
C GLY A 306 9.52 10.28 -8.75
N GLU A 307 10.77 10.28 -8.29
CA GLU A 307 11.59 9.06 -8.24
C GLU A 307 10.84 7.93 -7.53
N THR A 308 10.32 8.23 -6.34
CA THR A 308 9.59 7.24 -5.57
C THR A 308 8.47 6.64 -6.42
N ILE A 309 7.61 7.50 -6.96
CA ILE A 309 6.52 7.01 -7.80
C ILE A 309 7.06 6.18 -8.95
N LYS A 310 8.22 6.54 -9.48
CA LYS A 310 8.78 5.76 -10.59
C LYS A 310 9.21 4.39 -10.15
N ILE A 311 10.10 4.34 -9.17
CA ILE A 311 10.61 3.07 -8.69
C ILE A 311 9.51 2.12 -8.24
N VAL A 312 8.41 2.67 -7.73
CA VAL A 312 7.33 1.81 -7.29
C VAL A 312 6.61 1.14 -8.46
N ILE A 313 6.29 1.92 -9.50
CA ILE A 313 5.59 1.36 -10.66
C ILE A 313 6.40 0.35 -11.45
N GLU A 314 7.59 0.76 -11.89
CA GLU A 314 8.43 -0.10 -12.72
C GLU A 314 9.25 -1.23 -12.07
N GLU A 315 9.53 -1.14 -10.77
CA GLU A 315 10.31 -2.19 -10.14
C GLU A 315 9.56 -2.90 -9.00
N TYR A 316 8.97 -2.11 -8.12
CA TYR A 316 8.22 -2.64 -6.98
C TYR A 316 6.95 -3.37 -7.41
N VAL A 317 6.02 -2.66 -8.05
CA VAL A 317 4.78 -3.32 -8.50
C VAL A 317 5.13 -4.41 -9.50
N GLN A 318 6.05 -4.10 -10.41
CA GLN A 318 6.49 -5.09 -11.39
C GLN A 318 6.80 -6.36 -10.61
N GLN A 319 7.66 -6.22 -9.61
CA GLN A 319 8.05 -7.35 -8.78
C GLN A 319 6.85 -8.17 -8.33
N LEU A 320 5.90 -7.50 -7.68
CA LEU A 320 4.71 -8.18 -7.21
C LEU A 320 3.93 -8.88 -8.32
N SER A 321 3.47 -8.11 -9.29
CA SER A 321 2.69 -8.64 -10.41
C SER A 321 3.29 -9.87 -11.06
N GLY A 322 4.61 -9.88 -11.20
CA GLY A 322 5.25 -11.00 -11.85
C GLY A 322 4.85 -10.99 -13.32
N TYR A 323 4.27 -9.88 -13.76
CA TYR A 323 3.83 -9.74 -15.14
C TYR A 323 4.95 -9.72 -16.16
N PHE A 324 4.68 -10.28 -17.33
CA PHE A 324 5.64 -10.31 -18.41
C PHE A 324 5.58 -8.99 -19.15
N LEU A 325 4.49 -8.27 -18.91
CA LEU A 325 4.32 -6.96 -19.53
C LEU A 325 5.19 -6.00 -18.75
N GLN A 326 5.86 -5.09 -19.44
CA GLN A 326 6.74 -4.12 -18.79
C GLN A 326 5.97 -2.88 -18.34
N LEU A 327 5.56 -2.85 -17.07
CA LEU A 327 4.83 -1.71 -16.50
C LEU A 327 5.60 -0.43 -16.75
N LYS A 328 4.89 0.66 -16.98
CA LYS A 328 5.57 1.91 -17.27
C LYS A 328 5.04 3.14 -16.56
N PHE A 329 5.96 3.98 -16.06
CA PHE A 329 5.54 5.21 -15.41
C PHE A 329 5.62 6.39 -16.38
N ASP A 330 4.47 6.90 -16.79
CA ASP A 330 4.46 8.01 -17.71
C ASP A 330 3.17 8.81 -17.60
N PRO A 331 3.15 9.79 -16.68
CA PRO A 331 2.00 10.65 -16.42
C PRO A 331 1.26 11.05 -17.69
N GLU A 332 1.99 11.10 -18.81
CA GLU A 332 1.40 11.50 -20.07
C GLU A 332 0.35 10.52 -20.57
N LEU A 333 0.53 9.24 -20.29
CA LEU A 333 -0.45 8.26 -20.76
C LEU A 333 -1.87 8.64 -20.38
N LEU A 334 -2.03 9.48 -19.36
CA LEU A 334 -3.36 9.84 -18.94
C LEU A 334 -3.81 11.22 -19.40
N PHE A 335 -2.92 11.96 -20.06
CA PHE A 335 -3.30 13.30 -20.48
C PHE A 335 -4.52 13.30 -21.37
N GLY A 336 -4.71 12.24 -22.13
CA GLY A 336 -5.88 12.18 -22.98
C GLY A 336 -7.13 11.75 -22.21
N ALA A 337 -6.93 10.89 -21.21
CA ALA A 337 -8.03 10.38 -20.41
C ALA A 337 -8.63 11.37 -19.42
N GLN A 338 -9.72 10.95 -18.80
CA GLN A 338 -10.40 11.74 -17.78
C GLN A 338 -9.92 11.16 -16.47
N PHE A 339 -9.18 11.95 -15.69
CA PHE A 339 -8.60 11.44 -14.44
C PHE A 339 -8.51 12.57 -13.43
N GLN A 340 -8.73 12.26 -12.16
CA GLN A 340 -8.63 13.28 -11.13
C GLN A 340 -7.31 13.13 -10.43
N TYR A 341 -6.50 14.17 -10.45
CA TYR A 341 -5.21 14.11 -9.81
C TYR A 341 -5.23 14.37 -8.31
N ARG A 342 -5.92 13.49 -7.59
CA ARG A 342 -6.03 13.59 -6.14
C ARG A 342 -6.32 12.18 -5.60
N ASN A 343 -5.96 11.90 -4.35
CA ASN A 343 -6.20 10.59 -3.73
C ASN A 343 -6.60 10.74 -2.26
N ARG A 344 -7.33 9.77 -1.73
CA ARG A 344 -7.76 9.80 -0.33
C ARG A 344 -7.68 8.38 0.22
N ILE A 345 -6.69 8.13 1.08
CA ILE A 345 -6.49 6.79 1.64
C ILE A 345 -7.73 6.14 2.24
N ALA A 346 -8.00 4.91 1.81
CA ALA A 346 -9.16 4.18 2.27
C ALA A 346 -8.80 3.20 3.38
N MET A 347 -9.69 3.07 4.36
CA MET A 347 -9.44 2.16 5.47
C MET A 347 -9.26 0.74 4.95
N GLU A 348 -10.06 0.35 3.97
CA GLU A 348 -9.94 -0.99 3.40
C GLU A 348 -8.57 -1.16 2.80
N PHE A 349 -8.02 -0.09 2.23
CA PHE A 349 -6.71 -0.16 1.61
C PHE A 349 -5.68 -0.39 2.70
N ASN A 350 -5.92 0.22 3.86
CA ASN A 350 -5.02 0.07 5.00
C ASN A 350 -5.01 -1.40 5.46
N GLN A 351 -6.19 -1.96 5.68
CA GLN A 351 -6.34 -3.35 6.09
C GLN A 351 -5.51 -4.25 5.18
N LEU A 352 -5.92 -4.27 3.92
CA LEU A 352 -5.29 -5.06 2.88
C LEU A 352 -3.76 -5.03 2.82
N TYR A 353 -3.17 -3.89 3.19
CA TYR A 353 -1.71 -3.76 3.13
C TYR A 353 -0.96 -4.31 4.31
N HIS A 354 -1.64 -4.90 5.28
CA HIS A 354 -0.92 -5.48 6.41
C HIS A 354 -0.24 -6.76 5.92
N TRP A 355 0.91 -6.61 5.28
CA TRP A 355 1.63 -7.76 4.73
C TRP A 355 2.68 -8.38 5.65
N HIS A 356 2.35 -8.48 6.93
CA HIS A 356 3.26 -9.04 7.92
C HIS A 356 3.82 -10.42 7.64
N PRO A 357 3.14 -11.21 6.79
CA PRO A 357 3.68 -12.55 6.51
C PRO A 357 5.05 -12.50 5.83
N LEU A 358 5.39 -11.35 5.26
CA LEU A 358 6.67 -11.21 4.56
C LEU A 358 7.84 -11.39 5.52
N MET A 359 7.68 -10.87 6.72
CA MET A 359 8.73 -10.98 7.72
C MET A 359 9.16 -12.41 7.97
N PRO A 360 10.48 -12.62 8.03
CA PRO A 360 11.15 -13.91 8.24
C PRO A 360 11.09 -14.44 9.67
N ASP A 361 11.70 -15.60 9.87
CA ASP A 361 11.75 -16.24 11.18
C ASP A 361 12.84 -15.59 11.99
N SER A 362 13.85 -15.09 11.29
CA SER A 362 14.99 -14.43 11.89
C SER A 362 15.65 -13.60 10.80
N PHE A 363 16.59 -12.73 11.18
CA PHE A 363 17.24 -11.87 10.19
C PHE A 363 18.71 -12.14 9.99
N ARG A 364 19.05 -12.68 8.82
CA ARG A 364 20.43 -13.02 8.47
C ARG A 364 21.19 -11.86 7.85
N VAL A 365 22.35 -11.56 8.43
CA VAL A 365 23.22 -10.50 7.94
C VAL A 365 24.62 -11.11 7.80
N GLY A 366 24.83 -11.82 6.70
CA GLY A 366 26.10 -12.48 6.46
C GLY A 366 26.18 -13.79 7.20
N PRO A 367 27.25 -14.03 7.96
CA PRO A 367 27.39 -15.27 8.71
C PRO A 367 26.54 -15.23 9.98
N GLN A 368 26.18 -14.01 10.39
CA GLN A 368 25.38 -13.76 11.60
C GLN A 368 23.87 -13.77 11.37
N ASP A 369 23.15 -14.48 12.25
CA ASP A 369 21.71 -14.58 12.16
C ASP A 369 21.08 -13.95 13.41
N TYR A 370 20.43 -12.80 13.24
CA TYR A 370 19.79 -12.07 14.34
C TYR A 370 18.33 -12.41 14.60
N SER A 371 17.96 -12.45 15.87
CA SER A 371 16.60 -12.77 16.29
C SER A 371 15.79 -11.50 16.41
N TYR A 372 14.47 -11.65 16.55
CA TYR A 372 13.60 -10.50 16.70
C TYR A 372 14.08 -9.67 17.87
N GLU A 373 14.29 -10.33 19.00
CA GLU A 373 14.75 -9.67 20.21
C GLU A 373 16.12 -9.04 20.01
N GLN A 374 16.74 -9.31 18.86
CA GLN A 374 18.04 -8.73 18.57
C GLN A 374 17.88 -7.66 17.50
N PHE A 375 16.85 -7.82 16.70
CA PHE A 375 16.57 -6.91 15.59
C PHE A 375 15.67 -5.75 15.98
N LEU A 376 14.42 -6.05 16.29
CA LEU A 376 13.41 -5.05 16.61
C LEU A 376 13.78 -3.67 17.13
N PHE A 377 14.70 -3.54 18.07
CA PHE A 377 15.01 -2.16 18.47
C PHE A 377 16.50 -1.87 18.51
N ASN A 378 17.27 -2.68 17.77
CA ASN A 378 18.72 -2.52 17.73
C ASN A 378 19.10 -1.13 17.20
N THR A 379 19.58 -0.30 18.11
CA THR A 379 19.99 1.07 17.77
C THR A 379 21.43 1.20 17.36
N SER A 380 22.00 0.15 16.78
CA SER A 380 23.39 0.22 16.32
C SER A 380 23.68 -0.63 15.08
N MET A 381 22.96 -1.73 14.92
CA MET A 381 23.17 -2.60 13.77
C MET A 381 23.34 -1.83 12.47
N LEU A 382 22.50 -0.83 12.24
CA LEU A 382 22.57 -0.03 11.02
C LEU A 382 23.89 0.67 10.87
N VAL A 383 24.33 1.34 11.93
CA VAL A 383 25.60 2.04 11.89
C VAL A 383 26.78 1.07 11.95
N ASP A 384 26.57 -0.07 12.60
CA ASP A 384 27.61 -1.09 12.72
C ASP A 384 27.98 -1.67 11.36
N TYR A 385 27.00 -2.29 10.69
CA TYR A 385 27.25 -2.89 9.39
C TYR A 385 27.42 -1.91 8.25
N GLY A 386 26.54 -0.92 8.18
CA GLY A 386 26.61 0.08 7.12
C GLY A 386 25.49 -0.14 6.11
N VAL A 387 25.12 0.92 5.38
CA VAL A 387 24.04 0.82 4.39
C VAL A 387 24.22 -0.29 3.37
N GLU A 388 25.34 -0.27 2.65
CA GLU A 388 25.62 -1.28 1.64
C GLU A 388 25.47 -2.68 2.22
N ALA A 389 26.16 -2.91 3.34
CA ALA A 389 26.14 -4.19 4.03
C ALA A 389 24.74 -4.76 4.23
N LEU A 390 23.82 -3.92 4.71
CA LEU A 390 22.45 -4.36 4.96
C LEU A 390 21.70 -4.58 3.66
N VAL A 391 21.79 -3.62 2.74
CA VAL A 391 21.07 -3.78 1.49
C VAL A 391 21.42 -5.09 0.84
N ASP A 392 22.69 -5.48 0.93
CA ASP A 392 23.15 -6.75 0.34
C ASP A 392 22.48 -7.91 1.05
N ALA A 393 22.44 -7.82 2.38
CA ALA A 393 21.84 -8.86 3.19
C ALA A 393 20.33 -8.97 3.01
N PHE A 394 19.64 -7.83 3.00
CA PHE A 394 18.21 -7.88 2.84
C PHE A 394 17.80 -8.30 1.43
N SER A 395 18.63 -7.99 0.45
CA SER A 395 18.33 -8.34 -0.93
C SER A 395 18.52 -9.82 -1.18
N ARG A 396 19.26 -10.48 -0.29
CA ARG A 396 19.55 -11.90 -0.44
C ARG A 396 18.62 -12.83 0.34
N GLN A 397 18.01 -12.32 1.42
CA GLN A 397 17.12 -13.15 2.21
C GLN A 397 15.71 -13.07 1.66
N PRO A 398 15.07 -14.23 1.45
CA PRO A 398 13.70 -14.24 0.92
C PRO A 398 12.63 -13.87 1.92
N ALA A 399 11.62 -13.14 1.45
CA ALA A 399 10.51 -12.74 2.29
C ALA A 399 9.53 -13.89 2.24
N GLY A 400 8.58 -13.90 3.17
CA GLY A 400 7.61 -14.98 3.18
C GLY A 400 6.43 -14.75 2.26
N ARG A 401 5.75 -15.83 1.91
CA ARG A 401 4.57 -15.72 1.06
C ARG A 401 3.52 -14.94 1.85
N ILE A 402 2.78 -14.09 1.15
CA ILE A 402 1.75 -13.29 1.80
C ILE A 402 0.44 -14.05 1.89
N GLY A 403 -0.07 -14.49 0.75
CA GLY A 403 -1.31 -15.24 0.75
C GLY A 403 -1.02 -16.70 1.08
N GLY A 404 -2.07 -17.47 1.33
CA GLY A 404 -1.88 -18.88 1.63
C GLY A 404 -2.29 -19.32 3.01
N GLY A 405 -2.10 -18.44 4.01
CA GLY A 405 -2.45 -18.77 5.38
C GLY A 405 -1.33 -19.36 6.22
N ARG A 406 -1.53 -19.35 7.53
CA ARG A 406 -0.55 -19.88 8.48
C ARG A 406 0.89 -19.49 8.18
N ASN A 407 1.14 -18.24 7.82
CA ASN A 407 2.52 -17.85 7.53
C ASN A 407 2.95 -16.52 8.14
N ILE A 408 2.43 -16.21 9.31
CA ILE A 408 2.76 -14.98 10.03
C ILE A 408 3.57 -15.40 11.26
N ASP A 409 4.76 -14.82 11.44
CA ASP A 409 5.59 -15.15 12.59
C ASP A 409 4.89 -14.78 13.89
N HIS A 410 5.08 -15.60 14.93
CA HIS A 410 4.42 -15.35 16.21
C HIS A 410 4.81 -14.02 16.82
N HIS A 411 6.08 -13.65 16.65
CA HIS A 411 6.56 -12.38 17.18
C HIS A 411 5.64 -11.24 16.82
N ILE A 412 5.04 -11.28 15.65
CA ILE A 412 4.16 -10.20 15.23
C ILE A 412 2.74 -10.61 14.88
N LEU A 413 2.34 -11.82 15.29
CA LEU A 413 0.99 -12.29 15.00
C LEU A 413 -0.05 -11.42 15.73
N HIS A 414 0.37 -10.80 16.82
CA HIS A 414 -0.56 -9.98 17.60
C HIS A 414 -1.17 -8.87 16.75
N VAL A 415 -0.51 -8.51 15.66
CA VAL A 415 -1.01 -7.47 14.79
C VAL A 415 -2.22 -7.94 14.01
N ALA A 416 -2.05 -9.03 13.26
CA ALA A 416 -3.15 -9.57 12.48
C ALA A 416 -4.39 -9.69 13.37
N VAL A 417 -4.17 -9.93 14.65
CA VAL A 417 -5.28 -10.06 15.58
C VAL A 417 -6.01 -8.75 15.75
N ASP A 418 -5.26 -7.67 15.98
CA ASP A 418 -5.89 -6.37 16.14
C ASP A 418 -6.52 -5.93 14.82
N VAL A 419 -5.90 -6.28 13.70
CA VAL A 419 -6.44 -5.89 12.41
C VAL A 419 -7.86 -6.41 12.28
N ILE A 420 -8.07 -7.64 12.72
CA ILE A 420 -9.39 -8.24 12.67
C ILE A 420 -10.33 -7.52 13.64
N LYS A 421 -9.84 -7.25 14.85
CA LYS A 421 -10.65 -6.59 15.85
C LYS A 421 -11.06 -5.21 15.36
N GLU A 422 -10.09 -4.46 14.83
CA GLU A 422 -10.34 -3.11 14.32
C GLU A 422 -11.40 -3.17 13.24
N SER A 423 -11.26 -4.16 12.36
CA SER A 423 -12.19 -4.38 11.25
C SER A 423 -13.65 -4.33 11.72
N ARG A 424 -13.90 -4.93 12.88
CA ARG A 424 -15.23 -4.99 13.43
C ARG A 424 -15.69 -3.66 14.01
N VAL A 425 -14.75 -2.90 14.59
CA VAL A 425 -15.09 -1.60 15.15
C VAL A 425 -15.43 -0.67 13.99
N LEU A 426 -14.74 -0.90 12.88
CA LEU A 426 -14.95 -0.12 11.68
C LEU A 426 -16.19 -0.62 10.95
N ARG A 427 -16.74 -1.71 11.43
CA ARG A 427 -17.93 -2.32 10.81
C ARG A 427 -17.79 -2.55 9.31
N LEU A 428 -16.63 -3.06 8.89
CA LEU A 428 -16.38 -3.34 7.48
C LEU A 428 -17.42 -4.36 7.00
N GLN A 429 -17.76 -4.30 5.71
CA GLN A 429 -18.74 -5.22 5.15
C GLN A 429 -18.11 -6.57 4.91
N PRO A 430 -18.92 -7.57 4.54
CA PRO A 430 -18.47 -8.94 4.27
C PRO A 430 -17.48 -9.06 3.11
N PHE A 431 -16.60 -10.06 3.18
CA PHE A 431 -15.62 -10.26 2.12
C PHE A 431 -16.27 -10.26 0.74
N ASN A 432 -17.20 -11.19 0.52
CA ASN A 432 -17.87 -11.25 -0.76
C ASN A 432 -18.37 -9.90 -1.27
N GLU A 433 -19.07 -9.14 -0.44
CA GLU A 433 -19.57 -7.84 -0.88
C GLU A 433 -18.43 -7.01 -1.47
N TYR A 434 -17.25 -7.09 -0.87
CA TYR A 434 -16.11 -6.34 -1.40
C TYR A 434 -15.66 -7.00 -2.68
N ARG A 435 -15.84 -8.31 -2.77
CA ARG A 435 -15.45 -9.02 -3.99
C ARG A 435 -16.22 -8.41 -5.15
N LYS A 436 -17.53 -8.23 -4.94
CA LYS A 436 -18.37 -7.68 -5.99
C LYS A 436 -18.00 -6.25 -6.30
N ARG A 437 -17.67 -5.47 -5.28
CA ARG A 437 -17.29 -4.07 -5.50
C ARG A 437 -16.14 -3.97 -6.47
N PHE A 438 -15.24 -4.96 -6.42
CA PHE A 438 -14.11 -4.95 -7.30
C PHE A 438 -14.27 -5.88 -8.50
N GLY A 439 -15.53 -6.00 -8.94
CA GLY A 439 -15.89 -6.81 -10.10
C GLY A 439 -15.60 -8.29 -10.09
N MET A 440 -15.98 -9.00 -9.04
CA MET A 440 -15.72 -10.43 -8.94
C MET A 440 -16.92 -11.17 -8.40
N LYS A 441 -17.10 -12.41 -8.85
CA LYS A 441 -18.20 -13.24 -8.39
C LYS A 441 -17.99 -13.52 -6.91
N PRO A 442 -19.07 -13.50 -6.13
CA PRO A 442 -18.86 -13.78 -4.71
C PRO A 442 -18.60 -15.28 -4.58
N TYR A 443 -17.87 -15.68 -3.56
CA TYR A 443 -17.60 -17.10 -3.36
C TYR A 443 -18.86 -17.77 -2.87
N THR A 444 -19.11 -18.98 -3.36
CA THR A 444 -20.28 -19.73 -2.97
C THR A 444 -20.05 -20.62 -1.77
N SER A 445 -18.79 -20.98 -1.53
CA SER A 445 -18.44 -21.86 -0.42
C SER A 445 -17.04 -21.59 0.11
N PHE A 446 -16.76 -22.03 1.32
CA PHE A 446 -15.43 -21.81 1.84
C PHE A 446 -14.45 -22.66 1.07
N GLN A 447 -14.95 -23.76 0.54
CA GLN A 447 -14.14 -24.68 -0.24
C GLN A 447 -13.79 -24.12 -1.61
N GLU A 448 -14.54 -23.11 -2.05
CA GLU A 448 -14.27 -22.47 -3.33
C GLU A 448 -13.26 -21.38 -3.01
N LEU A 449 -13.37 -20.85 -1.79
CA LEU A 449 -12.49 -19.81 -1.29
C LEU A 449 -11.09 -20.34 -1.14
N THR A 450 -10.92 -21.25 -0.18
CA THR A 450 -9.61 -21.87 0.06
C THR A 450 -9.49 -22.92 -1.03
N GLY A 451 -8.26 -23.30 -1.38
CA GLY A 451 -8.13 -24.30 -2.41
C GLY A 451 -8.41 -25.71 -1.92
N GLU A 452 -8.66 -25.85 -0.63
CA GLU A 452 -8.87 -27.17 -0.05
C GLU A 452 -10.19 -27.48 0.66
N LYS A 453 -10.18 -28.56 1.45
CA LYS A 453 -11.39 -29.00 2.15
C LYS A 453 -11.34 -28.95 3.66
N GLU A 454 -10.16 -29.16 4.25
CA GLU A 454 -10.02 -29.18 5.71
C GLU A 454 -10.15 -27.83 6.41
N MET A 455 -9.38 -26.85 5.97
CA MET A 455 -9.41 -25.51 6.56
C MET A 455 -10.78 -24.90 6.29
N ALA A 456 -11.25 -25.02 5.06
CA ALA A 456 -12.56 -24.49 4.69
C ALA A 456 -13.58 -25.03 5.68
N ALA A 457 -13.58 -26.36 5.80
CA ALA A 457 -14.47 -27.07 6.70
C ALA A 457 -14.56 -26.41 8.06
N GLU A 458 -13.42 -26.02 8.61
CA GLU A 458 -13.39 -25.40 9.93
C GLU A 458 -13.89 -23.98 9.86
N LEU A 459 -13.50 -23.27 8.81
CA LEU A 459 -13.94 -21.89 8.65
C LEU A 459 -15.46 -21.88 8.58
N GLU A 460 -16.03 -22.92 7.96
CA GLU A 460 -17.47 -22.98 7.83
C GLU A 460 -18.17 -23.11 9.18
N GLU A 461 -17.70 -24.02 10.03
CA GLU A 461 -18.35 -24.18 11.33
C GLU A 461 -18.22 -22.91 12.15
N LEU A 462 -17.10 -22.22 11.96
CA LEU A 462 -16.85 -20.99 12.68
C LEU A 462 -17.69 -19.81 12.20
N TYR A 463 -17.56 -19.48 10.92
CA TYR A 463 -18.30 -18.36 10.35
C TYR A 463 -19.77 -18.62 10.10
N GLY A 464 -20.11 -19.88 9.83
CA GLY A 464 -21.49 -20.21 9.59
C GLY A 464 -21.87 -20.10 8.14
N ASP A 465 -21.54 -18.97 7.52
CA ASP A 465 -21.85 -18.75 6.10
C ASP A 465 -20.75 -17.96 5.43
N ILE A 466 -20.29 -18.45 4.28
CA ILE A 466 -19.24 -17.79 3.53
C ILE A 466 -19.52 -16.28 3.43
N ASP A 467 -20.80 -15.93 3.40
CA ASP A 467 -21.19 -14.53 3.33
C ASP A 467 -20.92 -13.76 4.61
N ALA A 468 -20.33 -14.43 5.59
CA ALA A 468 -20.00 -13.77 6.85
C ALA A 468 -18.48 -13.63 6.94
N LEU A 469 -17.77 -14.35 6.07
CA LEU A 469 -16.32 -14.28 6.04
C LEU A 469 -15.90 -12.80 5.92
N GLU A 470 -15.08 -12.35 6.87
CA GLU A 470 -14.61 -10.97 6.94
C GLU A 470 -13.52 -10.58 5.96
N PHE A 471 -13.42 -9.27 5.69
CA PHE A 471 -12.46 -8.71 4.74
C PHE A 471 -11.02 -9.17 4.86
N TYR A 472 -10.38 -8.95 6.01
CA TYR A 472 -8.98 -9.35 6.14
C TYR A 472 -8.77 -10.86 6.04
N PRO A 473 -9.48 -11.65 6.86
CA PRO A 473 -9.29 -13.10 6.78
C PRO A 473 -9.49 -13.63 5.36
N GLY A 474 -10.44 -13.04 4.64
CA GLY A 474 -10.68 -13.48 3.28
C GLY A 474 -9.47 -13.25 2.40
N LEU A 475 -8.89 -12.05 2.49
CA LEU A 475 -7.73 -11.72 1.69
C LEU A 475 -6.56 -12.67 1.98
N LEU A 476 -6.31 -12.94 3.26
CA LEU A 476 -5.21 -13.79 3.67
C LEU A 476 -5.36 -15.30 3.57
N LEU A 477 -6.58 -15.80 3.51
CA LEU A 477 -6.80 -17.24 3.43
C LEU A 477 -7.23 -17.69 2.04
N GLU A 478 -7.64 -16.74 1.19
CA GLU A 478 -8.07 -17.10 -0.16
C GLU A 478 -6.95 -17.87 -0.86
N LYS A 479 -7.34 -18.86 -1.65
CA LYS A 479 -6.39 -19.70 -2.41
C LYS A 479 -5.49 -18.85 -3.27
N CYS A 480 -4.26 -19.28 -3.46
CA CYS A 480 -3.35 -18.51 -4.28
C CYS A 480 -3.17 -19.06 -5.68
N HIS A 481 -2.82 -18.16 -6.58
CA HIS A 481 -2.58 -18.51 -7.97
C HIS A 481 -1.57 -19.64 -8.01
N PRO A 482 -1.26 -20.15 -9.22
CA PRO A 482 -0.30 -21.25 -9.36
C PRO A 482 0.76 -21.26 -8.27
N ASN A 483 1.55 -20.19 -8.27
CA ASN A 483 2.65 -19.98 -7.35
C ASN A 483 2.91 -18.47 -7.38
N SER A 484 1.97 -17.72 -6.82
CA SER A 484 2.07 -16.27 -6.75
C SER A 484 2.23 -15.92 -5.30
N ILE A 485 2.56 -14.66 -5.02
CA ILE A 485 2.75 -14.24 -3.64
C ILE A 485 1.41 -14.14 -2.91
N PHE A 486 0.32 -14.01 -3.66
CA PHE A 486 -1.00 -13.95 -3.07
C PHE A 486 -2.15 -14.22 -4.02
N GLY A 487 -3.38 -14.06 -3.53
CA GLY A 487 -4.55 -14.38 -4.34
C GLY A 487 -5.13 -13.38 -5.32
N GLU A 488 -6.25 -13.79 -5.90
CA GLU A 488 -6.96 -13.00 -6.88
C GLU A 488 -7.42 -11.71 -6.22
N SER A 489 -8.23 -11.86 -5.18
CA SER A 489 -8.77 -10.72 -4.46
C SER A 489 -7.70 -9.71 -4.08
N MET A 490 -6.56 -10.19 -3.60
CA MET A 490 -5.49 -9.27 -3.20
C MET A 490 -5.12 -8.38 -4.36
N ILE A 491 -4.99 -8.98 -5.54
CA ILE A 491 -4.63 -8.23 -6.73
C ILE A 491 -5.76 -7.36 -7.22
N GLU A 492 -6.89 -8.00 -7.52
CA GLU A 492 -8.06 -7.28 -8.01
C GLU A 492 -8.55 -6.11 -7.16
N MET A 493 -8.39 -6.19 -5.85
CA MET A 493 -8.84 -5.13 -4.97
C MET A 493 -7.73 -4.12 -4.73
N GLY A 494 -6.52 -4.65 -4.50
CA GLY A 494 -5.38 -3.79 -4.21
C GLY A 494 -4.80 -2.99 -5.35
N ALA A 495 -4.78 -3.56 -6.56
CA ALA A 495 -4.25 -2.86 -7.71
C ALA A 495 -4.91 -1.49 -7.93
N PRO A 496 -6.26 -1.43 -7.90
CA PRO A 496 -6.97 -0.15 -8.08
C PRO A 496 -6.49 0.85 -7.04
N PHE A 497 -6.54 0.42 -5.78
CA PHE A 497 -6.09 1.24 -4.69
C PHE A 497 -4.66 1.72 -4.94
N LEU A 499 -2.72 1.79 -7.88
CA LEU A 499 -2.47 2.58 -9.08
C LEU A 499 -3.07 3.98 -8.98
N LYS A 500 -4.25 4.10 -8.41
CA LYS A 500 -4.90 5.39 -8.26
C LYS A 500 -4.07 6.28 -7.35
N GLY A 501 -3.66 5.71 -6.22
CA GLY A 501 -2.86 6.46 -5.25
C GLY A 501 -1.47 6.81 -5.76
N LEU A 502 -1.12 6.29 -6.92
CA LEU A 502 0.17 6.56 -7.50
C LEU A 502 0.03 7.65 -8.56
N LEU A 503 -0.92 7.48 -9.46
CA LEU A 503 -1.14 8.45 -10.52
C LEU A 503 -1.96 9.63 -10.06
N GLY A 504 -2.72 9.44 -8.98
CA GLY A 504 -3.54 10.53 -8.44
C GLY A 504 -2.73 11.50 -7.60
N ASN A 505 -1.65 12.01 -8.18
CA ASN A 505 -0.73 12.92 -7.50
C ASN A 505 -0.62 14.17 -8.36
N PRO A 506 -0.57 15.35 -7.72
CA PRO A 506 -0.46 16.56 -8.54
C PRO A 506 0.73 16.61 -9.49
N ILE A 507 1.85 15.98 -9.12
CA ILE A 507 2.99 16.03 -10.04
C ILE A 507 2.75 15.20 -11.29
N CYS A 508 1.77 14.31 -11.23
CA CYS A 508 1.45 13.48 -12.39
C CYS A 508 0.54 14.18 -13.38
N SER A 509 0.03 15.33 -12.96
CA SER A 509 -0.86 16.14 -13.77
C SER A 509 -0.10 16.87 -14.86
N PRO A 510 -0.82 17.33 -15.89
CA PRO A 510 -0.22 18.05 -17.00
C PRO A 510 0.33 19.39 -16.52
N GLU A 511 -0.29 19.95 -15.50
CA GLU A 511 0.13 21.25 -14.98
C GLU A 511 1.47 21.17 -14.28
N TYR A 512 1.74 20.03 -13.66
CA TYR A 512 2.99 19.83 -12.94
C TYR A 512 4.06 19.08 -13.70
N TRP A 513 3.66 18.07 -14.46
CA TRP A 513 4.63 17.27 -15.19
C TRP A 513 5.34 18.09 -16.27
N LYS A 514 6.17 19.02 -15.83
CA LYS A 514 6.94 19.89 -16.72
C LYS A 514 8.36 19.79 -16.23
N ALA A 515 9.33 20.12 -17.07
CA ALA A 515 10.71 20.04 -16.63
C ALA A 515 10.99 21.17 -15.65
N SER A 516 10.44 22.35 -15.93
CA SER A 516 10.66 23.50 -15.05
C SER A 516 10.32 23.14 -13.60
N THR A 517 9.34 22.27 -13.44
CA THR A 517 8.89 21.82 -12.13
C THR A 517 10.01 21.19 -11.33
N PHE A 518 10.86 20.43 -12.02
CA PHE A 518 11.97 19.76 -11.34
C PHE A 518 13.32 20.46 -11.56
N GLY A 519 13.27 21.75 -11.83
CA GLY A 519 14.50 22.52 -12.02
C GLY A 519 15.22 22.28 -13.33
N GLY A 520 14.48 21.88 -14.35
CA GLY A 520 15.11 21.65 -15.64
C GLY A 520 15.25 20.19 -16.01
N GLU A 521 15.93 19.95 -17.12
CA GLU A 521 16.13 18.60 -17.63
C GLU A 521 16.89 17.69 -16.66
N VAL A 522 17.92 18.21 -16.00
CA VAL A 522 18.69 17.40 -15.05
C VAL A 522 17.78 16.79 -14.02
N GLY A 523 17.04 17.63 -13.31
CA GLY A 523 16.12 17.14 -12.30
C GLY A 523 15.05 16.24 -12.87
N PHE A 524 14.49 16.62 -14.02
CA PHE A 524 13.45 15.84 -14.65
C PHE A 524 13.88 14.42 -14.98
N ASN A 525 15.05 14.26 -15.59
CA ASN A 525 15.51 12.90 -15.92
C ASN A 525 15.71 12.09 -14.66
N LEU A 526 16.20 12.74 -13.60
CA LEU A 526 16.42 12.06 -12.33
C LEU A 526 15.19 11.24 -12.01
N VAL A 527 14.03 11.84 -12.25
CA VAL A 527 12.75 11.17 -12.05
C VAL A 527 12.55 10.13 -13.14
N LYS A 528 12.54 10.60 -14.39
CA LYS A 528 12.33 9.74 -15.54
C LYS A 528 13.22 8.52 -15.64
N THR A 529 14.33 8.49 -14.89
CA THR A 529 15.22 7.34 -14.97
C THR A 529 15.62 6.76 -13.62
N ALA A 530 14.87 7.06 -12.57
CA ALA A 530 15.18 6.56 -11.24
C ALA A 530 15.09 5.06 -11.17
N THR A 531 15.94 4.45 -10.35
CA THR A 531 15.93 3.00 -10.21
C THR A 531 16.39 2.62 -8.80
N LEU A 532 15.93 1.47 -8.31
CA LEU A 532 16.28 1.01 -6.97
C LEU A 532 17.80 0.94 -6.81
N LYS A 533 18.47 0.46 -7.84
CA LYS A 533 19.93 0.34 -7.80
C LYS A 533 20.56 1.71 -7.61
N LYS A 534 20.28 2.64 -8.53
CA LYS A 534 20.82 3.98 -8.45
C LYS A 534 20.53 4.63 -7.11
N LEU A 535 19.29 4.48 -6.64
CA LEU A 535 18.86 5.03 -5.36
C LEU A 535 19.83 4.63 -4.26
N VAL A 536 20.35 3.42 -4.35
CA VAL A 536 21.29 2.92 -3.36
C VAL A 536 22.72 3.24 -3.70
N CYS A 537 23.22 2.61 -4.75
CA CYS A 537 24.61 2.79 -5.18
C CYS A 537 25.13 4.19 -5.45
N LEU A 538 24.26 5.14 -5.80
CA LEU A 538 24.74 6.49 -6.01
C LEU A 538 24.84 7.23 -4.70
N ASN A 539 24.63 6.51 -3.60
CA ASN A 539 24.69 7.10 -2.26
C ASN A 539 25.49 6.24 -1.29
N THR A 540 26.25 5.29 -1.81
CA THR A 540 27.06 4.41 -0.97
C THR A 540 28.46 4.23 -1.55
N LYS A 541 29.45 4.07 -0.67
CA LYS A 541 30.83 3.91 -1.11
C LYS A 541 31.01 2.75 -2.08
N THR A 542 30.51 1.59 -1.72
CA THR A 542 30.62 0.43 -2.61
C THR A 542 29.21 0.17 -3.14
N CYS A 543 29.08 -0.76 -4.06
CA CYS A 543 27.76 -1.08 -4.63
C CYS A 543 27.51 -2.56 -4.42
N PRO A 544 26.55 -2.88 -3.55
CA PRO A 544 26.17 -4.25 -3.21
C PRO A 544 25.12 -4.80 -4.14
N TYR A 545 24.70 -6.03 -3.87
CA TYR A 545 23.66 -6.64 -4.68
C TYR A 545 22.36 -6.00 -4.24
N VAL A 546 21.75 -5.18 -5.10
CA VAL A 546 20.50 -4.51 -4.75
C VAL A 546 19.34 -4.89 -5.67
N SER A 547 18.22 -5.30 -5.10
CA SER A 547 17.05 -5.71 -5.88
C SER A 547 15.87 -6.20 -5.03
N PHE A 548 14.66 -6.13 -5.56
CA PHE A 548 13.48 -6.59 -4.84
C PHE A 548 13.36 -8.11 -4.96
N HIS A 549 14.17 -8.68 -5.86
CA HIS A 549 14.16 -10.11 -6.11
C HIS A 549 15.45 -10.74 -5.62
N VAL A 550 15.32 -11.81 -4.84
CA VAL A 550 16.49 -12.50 -4.31
C VAL A 550 17.29 -13.06 -5.49
N PRO A 551 18.63 -13.09 -5.38
CA PRO A 551 19.41 -13.62 -6.51
C PRO A 551 19.23 -15.13 -6.67
#